data_8T2T
#
_entry.id   8T2T
#
_cell.length_a   1.00
_cell.length_b   1.00
_cell.length_c   1.00
_cell.angle_alpha   90.00
_cell.angle_beta   90.00
_cell.angle_gamma   90.00
#
_symmetry.space_group_name_H-M   'P 1'
#
loop_
_entity.id
_entity.type
_entity.pdbx_description
1 polymer "RNA (5'-R(P*UP*UP*UP*CP*UP*UP*UP*UP*G)-3')"
2 polymer 'RNA (537-MER)'
3 polymer 'Group II intron reverse transcriptase/maturase'
4 non-polymer 'MAGNESIUM ION'
5 non-polymer 'AMMONIUM ION'
#
loop_
_entity_poly.entity_id
_entity_poly.type
_entity_poly.pdbx_seq_one_letter_code
_entity_poly.pdbx_strand_id
1 'polyribonucleotide' UUUCUUUUG A
2 'polyribonucleotide'
;GUUUGCGCGCCAUGGGCGCGCUCUAACGGGUGUAAGUCCCGAACAUGCCCAGGUAGUGGGAAAUGUAUAGCCGAACAGCA
AGGGUGUCUACUGUGAGGUGGAAUCUGAAGGAAGCUGUAAGCGAAUCUCUGGUCCGACGGACAGAAAUCGCAUAUAAGGC
UAGGCUUCGAGUGAUAAGCUGGCAAAGAACAGUGAAGUCUAAUAACUACCACGUUUGUAGAAGCAGAGUAAAUGCGGCGG
AUAUAUGGAGAGAAAGAGCGUGCACCUUAAGCGUGGAGGUCUCACAGAGGUUUCAUUAGCCUAGUAACAACGAACUGUGA
GAAGUCAGCCGAGCCCAUAGUAGUGAAGAAGUCUCUGUAAUGGGGAUGGAGCGAAGGGGCGAACAAUCAUUCAGUUUGAG
AAUGUCUCGUAUUGCAGAAAUGACAACAUCUGCCGUAACCAAUCGGGUAAAAGGUGGUCAAAUCAAGCGAGACGGAAAGG
AAAGAACGCAUGGACACAAGUAAUCUAAUUUCGGUUAGAUUACUACAUCGAAAAGUGUGUUACUUGUUAAGUUGAUUGAA
CCGCCGUAUACGGAACCGUACGUACGGUGGUGUGAGAGGUCGGAAUUUCUCAAUUAAGAGAAAUUCUUCCUACUCGAU
;
B
3 'polypeptide(L)'
;MDTSNLMEQILSSDNLNRAYLQVVRNKGAEGVDGMKYTELKEHLAKNGETIKGQLRTRKYKPQPARRVEIPKPDGGVRNL
GVPTVTDRFIQQAIAQVLTPIYEEQFHDHSYGFRPNRCAQQAILTALNIMNDGNDWIVDIDLEKFFDTVNHDKLMTLIGR
TIKDGDVISIVRKYLVSGIMIDDEYEDSIVGTPQGGNLSPLLANIMLNELDKEMEKRGLNFVRYADDCIIMVGSEMSANR
VMRNISRFIEEKLGLKVNMTKSKVDRPSGLKYLGFGFYFDPRAHQFKAKPHAKSVAKFKKRMKELTCRSWGVSNSYKVEK
LNQLIRGWINYFKIGSMKTLCKELDSRIRYRLRMCIWKQWKTPQNQEKNLVKLGIDRNTARRVAYTGKRIAYVCNKGAVN
VAISNKRLASFGLISMLDYYIEKCVTC
;
D
#
loop_
_chem_comp.id
_chem_comp.type
_chem_comp.name
_chem_comp.formula
A RNA linking ADENOSINE-5'-MONOPHOSPHATE 'C10 H14 N5 O7 P'
C RNA linking CYTIDINE-5'-MONOPHOSPHATE 'C9 H14 N3 O8 P'
G RNA linking GUANOSINE-5'-MONOPHOSPHATE 'C10 H14 N5 O8 P'
MG non-polymer 'MAGNESIUM ION' 'Mg 2'
NH4 non-polymer 'AMMONIUM ION' 'H4 N 1'
U RNA linking URIDINE-5'-MONOPHOSPHATE 'C9 H13 N2 O9 P'
#
# COMPACT_ATOMS: atom_id res chain seq x y z
N ASN C 5 30.80 -19.21 2.31
CA ASN C 5 29.87 -19.82 1.36
C ASN C 5 28.85 -18.79 0.90
N LEU C 6 28.47 -17.90 1.81
CA LEU C 6 27.44 -16.90 1.54
C LEU C 6 27.93 -15.47 1.69
N MET C 7 29.02 -15.25 2.44
CA MET C 7 29.37 -13.90 2.86
C MET C 7 29.97 -13.13 1.69
N GLU C 8 30.66 -13.82 0.79
CA GLU C 8 31.16 -13.17 -0.42
C GLU C 8 30.06 -12.96 -1.44
N GLN C 9 29.00 -13.77 -1.37
CA GLN C 9 27.79 -13.46 -2.14
C GLN C 9 27.12 -12.22 -1.60
N ILE C 10 27.23 -11.98 -0.28
CA ILE C 10 26.77 -10.71 0.26
C ILE C 10 27.61 -9.56 -0.27
N LEU C 11 28.94 -9.72 -0.28
CA LEU C 11 29.86 -8.68 -0.75
C LEU C 11 30.34 -8.93 -2.18
N SER C 12 29.48 -9.47 -3.03
CA SER C 12 29.73 -9.45 -4.46
C SER C 12 29.57 -8.03 -5.00
N SER C 13 30.52 -7.61 -5.84
CA SER C 13 30.59 -6.24 -6.32
C SER C 13 29.36 -5.87 -7.15
N ASP C 14 28.87 -6.82 -7.94
CA ASP C 14 27.64 -6.62 -8.70
C ASP C 14 26.44 -6.48 -7.79
N ASN C 15 26.42 -7.27 -6.71
CA ASN C 15 25.33 -7.18 -5.73
C ASN C 15 25.34 -5.82 -5.03
N LEU C 16 26.53 -5.29 -4.73
CA LEU C 16 26.59 -3.97 -4.11
C LEU C 16 26.28 -2.85 -5.11
N ASN C 17 26.56 -3.07 -6.40
CA ASN C 17 26.12 -2.07 -7.38
C ASN C 17 24.60 -2.10 -7.54
N ARG C 18 23.99 -3.29 -7.42
CA ARG C 18 22.53 -3.36 -7.40
C ARG C 18 21.96 -2.70 -6.15
N ALA C 19 22.62 -2.89 -5.00
CA ALA C 19 22.19 -2.22 -3.77
C ALA C 19 22.36 -0.71 -3.88
N TYR C 20 23.44 -0.28 -4.56
CA TYR C 20 23.66 1.12 -4.89
C TYR C 20 22.50 1.70 -5.69
N LEU C 21 22.12 1.03 -6.78
CA LEU C 21 21.05 1.56 -7.64
C LEU C 21 19.70 1.54 -6.93
N GLN C 22 19.48 0.52 -6.11
CA GLN C 22 18.24 0.41 -5.36
C GLN C 22 18.11 1.51 -4.33
N VAL C 23 19.19 1.79 -3.58
CA VAL C 23 19.08 2.78 -2.52
C VAL C 23 19.08 4.19 -3.09
N VAL C 24 19.69 4.42 -4.26
CA VAL C 24 19.58 5.77 -4.82
C VAL C 24 18.23 5.95 -5.49
N ARG C 25 17.58 4.86 -5.90
CA ARG C 25 16.22 4.97 -6.40
C ARG C 25 15.20 5.11 -5.27
N ASN C 26 15.55 4.63 -4.07
CA ASN C 26 14.65 4.77 -2.92
C ASN C 26 14.57 6.22 -2.45
N LYS C 27 15.71 6.93 -2.47
CA LYS C 27 15.87 8.32 -2.03
C LYS C 27 15.36 8.51 -0.59
N GLY C 28 15.91 7.70 0.30
CA GLY C 28 15.43 7.65 1.67
C GLY C 28 15.84 8.85 2.50
N ALA C 29 15.56 8.75 3.80
CA ALA C 29 15.84 9.82 4.73
C ALA C 29 17.32 9.84 5.11
N GLU C 30 17.68 10.72 6.04
CA GLU C 30 19.09 10.95 6.36
C GLU C 30 19.60 10.09 7.52
N GLY C 31 18.72 9.63 8.40
CA GLY C 31 19.19 8.84 9.54
C GLY C 31 19.58 9.72 10.71
N VAL C 32 20.69 9.37 11.35
CA VAL C 32 21.14 10.07 12.55
C VAL C 32 22.37 10.91 12.26
N ASP C 33 23.10 10.56 11.19
CA ASP C 33 24.29 11.30 10.78
C ASP C 33 23.96 12.59 10.08
N GLY C 34 22.79 12.64 9.44
CA GLY C 34 22.52 13.73 8.52
C GLY C 34 23.19 13.53 7.18
N MET C 35 23.71 12.33 6.91
CA MET C 35 24.34 12.01 5.65
C MET C 35 23.28 11.96 4.56
N LYS C 36 23.62 12.52 3.41
CA LYS C 36 22.71 12.59 2.28
C LYS C 36 22.92 11.37 1.37
N TYR C 37 21.87 11.02 0.63
CA TYR C 37 21.96 9.85 -0.23
C TYR C 37 22.77 10.14 -1.49
N THR C 38 23.00 11.41 -1.80
CA THR C 38 23.81 11.77 -2.96
C THR C 38 25.31 11.71 -2.66
N GLU C 39 25.70 11.53 -1.41
CA GLU C 39 27.10 11.47 -1.03
C GLU C 39 27.54 10.08 -0.58
N LEU C 40 26.76 9.04 -0.88
CA LEU C 40 27.20 7.68 -0.55
C LEU C 40 28.28 7.21 -1.53
N LYS C 41 28.29 7.81 -2.73
CA LYS C 41 29.32 7.49 -3.72
C LYS C 41 30.72 7.83 -3.22
N GLU C 42 30.86 8.97 -2.54
CA GLU C 42 32.10 9.27 -1.82
C GLU C 42 32.32 8.27 -0.69
N HIS C 43 31.24 7.88 -0.02
CA HIS C 43 31.35 6.97 1.12
C HIS C 43 31.77 5.57 0.71
N LEU C 44 31.59 5.22 -0.56
CA LEU C 44 32.15 3.98 -1.10
C LEU C 44 33.51 4.22 -1.74
N ALA C 45 33.77 5.43 -2.24
CA ALA C 45 35.05 5.73 -2.88
C ALA C 45 36.20 5.76 -1.88
N LYS C 46 36.06 6.46 -0.77
CA LYS C 46 37.17 6.52 0.19
C LYS C 46 36.96 5.66 1.42
N ASN C 47 35.72 5.28 1.71
CA ASN C 47 35.40 4.49 2.90
C ASN C 47 34.69 3.20 2.54
N GLY C 48 35.04 2.59 1.41
CA GLY C 48 34.36 1.39 0.96
C GLY C 48 35.03 0.10 1.37
N GLU C 49 36.31 -0.03 1.02
CA GLU C 49 37.08 -1.22 1.36
C GLU C 49 37.30 -1.36 2.86
N THR C 50 37.29 -0.24 3.58
CA THR C 50 37.30 -0.27 5.04
C THR C 50 36.06 -0.98 5.57
N ILE C 51 34.89 -0.67 4.99
CA ILE C 51 33.64 -1.31 5.41
C ILE C 51 33.61 -2.77 5.00
N LYS C 52 34.16 -3.09 3.81
CA LYS C 52 34.25 -4.49 3.38
C LYS C 52 35.12 -5.31 4.32
N GLY C 53 36.27 -4.78 4.71
CA GLY C 53 37.11 -5.46 5.67
C GLY C 53 36.48 -5.52 7.05
N GLN C 54 35.73 -4.48 7.43
CA GLN C 54 35.11 -4.44 8.75
C GLN C 54 33.99 -5.47 8.88
N LEU C 55 33.20 -5.63 7.82
CA LEU C 55 32.16 -6.66 7.81
C LEU C 55 32.78 -8.04 7.69
N ARG C 56 33.84 -8.18 6.90
CA ARG C 56 34.50 -9.47 6.74
C ARG C 56 35.23 -9.89 8.01
N THR C 57 35.63 -8.92 8.83
CA THR C 57 36.25 -9.20 10.11
C THR C 57 35.30 -9.04 11.30
N ARG C 58 34.04 -8.67 11.04
CA ARG C 58 32.98 -8.52 12.03
C ARG C 58 33.35 -7.50 13.11
N LYS C 59 33.63 -6.27 12.64
CA LYS C 59 33.86 -5.16 13.54
C LYS C 59 32.89 -3.99 13.34
N TYR C 60 31.96 -4.10 12.41
CA TYR C 60 31.05 -2.99 12.14
C TYR C 60 30.02 -2.85 13.27
N LYS C 61 29.86 -1.62 13.75
CA LYS C 61 28.74 -1.21 14.56
C LYS C 61 27.83 -0.37 13.66
N PRO C 62 26.71 -0.92 13.21
CA PRO C 62 25.73 -0.12 12.47
C PRO C 62 25.08 0.92 13.37
N GLN C 63 25.06 2.17 12.93
CA GLN C 63 24.68 3.26 13.82
C GLN C 63 23.16 3.32 13.96
N PRO C 64 22.63 3.21 15.20
CA PRO C 64 21.19 3.26 15.45
C PRO C 64 20.62 4.66 15.29
N GLY C 81 17.62 3.37 15.67
CA GLY C 81 16.92 4.64 15.72
C GLY C 81 16.43 5.09 14.36
N VAL C 82 16.99 6.18 13.85
CA VAL C 82 16.63 6.73 12.54
C VAL C 82 17.55 6.12 11.51
N PRO C 83 17.03 5.44 10.48
CA PRO C 83 17.89 4.62 9.60
C PRO C 83 18.72 5.45 8.63
N THR C 84 20.04 5.33 8.72
CA THR C 84 20.94 6.06 7.84
C THR C 84 20.96 5.42 6.45
N VAL C 85 21.69 6.06 5.55
CA VAL C 85 21.64 5.72 4.14
C VAL C 85 22.55 4.52 3.81
N THR C 86 23.76 4.49 4.36
CA THR C 86 24.65 3.36 4.09
C THR C 86 24.20 2.10 4.82
N ASP C 87 23.54 2.26 5.97
CA ASP C 87 22.93 1.12 6.64
C ASP C 87 21.83 0.52 5.79
N ARG C 88 20.99 1.38 5.21
CA ARG C 88 19.96 0.96 4.26
C ARG C 88 20.57 0.29 3.04
N PHE C 89 21.73 0.78 2.60
CA PHE C 89 22.37 0.26 1.39
C PHE C 89 22.91 -1.16 1.62
N ILE C 90 23.58 -1.38 2.76
CA ILE C 90 24.07 -2.73 3.02
C ILE C 90 22.92 -3.66 3.42
N GLN C 91 21.85 -3.10 4.00
CA GLN C 91 20.64 -3.84 4.27
C GLN C 91 20.00 -4.32 2.97
N GLN C 92 20.01 -3.46 1.95
CA GLN C 92 19.50 -3.86 0.64
C GLN C 92 20.40 -4.91 0.01
N ALA C 93 21.70 -4.86 0.29
CA ALA C 93 22.59 -5.93 -0.18
C ALA C 93 22.24 -7.28 0.46
N ILE C 94 21.99 -7.28 1.77
CA ILE C 94 21.61 -8.52 2.45
C ILE C 94 20.24 -9.01 1.99
N ALA C 95 19.32 -8.08 1.71
CA ALA C 95 18.02 -8.47 1.17
C ALA C 95 18.15 -9.02 -0.23
N GLN C 96 19.04 -8.45 -1.04
CA GLN C 96 19.24 -8.91 -2.39
C GLN C 96 19.91 -10.27 -2.44
N VAL C 97 20.69 -10.63 -1.42
CA VAL C 97 21.26 -11.96 -1.40
C VAL C 97 20.34 -12.98 -0.73
N LEU C 98 19.40 -12.53 0.13
CA LEU C 98 18.47 -13.47 0.73
C LEU C 98 17.12 -13.54 0.05
N THR C 99 16.89 -12.76 -0.99
CA THR C 99 15.75 -12.93 -1.89
C THR C 99 15.90 -14.24 -2.70
N PRO C 100 17.14 -14.71 -3.03
CA PRO C 100 17.32 -16.15 -3.31
C PRO C 100 17.13 -17.07 -2.11
N ILE C 101 17.73 -18.28 -2.18
CA ILE C 101 17.21 -19.59 -1.79
C ILE C 101 16.20 -19.66 -0.66
N TYR C 102 16.23 -18.72 0.29
CA TYR C 102 15.30 -18.77 1.42
C TYR C 102 13.86 -18.49 0.97
N GLU C 103 13.70 -17.95 -0.24
CA GLU C 103 12.39 -17.78 -0.86
C GLU C 103 11.64 -19.08 -1.10
N GLU C 104 12.33 -20.14 -1.51
CA GLU C 104 11.66 -21.38 -1.94
C GLU C 104 11.00 -22.14 -0.79
N GLN C 105 11.33 -21.84 0.46
CA GLN C 105 10.62 -22.43 1.59
C GLN C 105 9.32 -21.70 1.91
N PHE C 106 9.05 -20.58 1.25
CA PHE C 106 7.82 -19.84 1.52
C PHE C 106 6.63 -20.53 0.87
N HIS C 107 5.48 -20.49 1.53
CA HIS C 107 4.27 -21.02 0.95
C HIS C 107 3.78 -20.12 -0.18
N ASP C 108 2.95 -20.69 -1.06
CA ASP C 108 2.48 -19.94 -2.22
C ASP C 108 1.53 -18.82 -1.82
N HIS C 109 0.76 -19.02 -0.77
CA HIS C 109 -0.26 -18.06 -0.37
C HIS C 109 0.27 -16.95 0.53
N SER C 110 1.57 -16.69 0.50
CA SER C 110 2.16 -15.52 1.14
C SER C 110 2.47 -14.52 0.03
N TYR C 111 1.89 -13.33 0.11
CA TYR C 111 1.83 -12.47 -1.06
C TYR C 111 2.49 -11.11 -0.88
N GLY C 112 2.97 -10.77 0.31
CA GLY C 112 3.59 -9.48 0.50
C GLY C 112 5.10 -9.53 0.52
N PHE C 113 5.70 -8.44 0.05
CA PHE C 113 7.14 -8.17 0.13
C PHE C 113 7.96 -9.22 -0.60
N ARG C 114 7.40 -9.74 -1.69
CA ARG C 114 8.02 -10.77 -2.50
C ARG C 114 8.03 -10.32 -3.96
N PRO C 115 8.98 -10.80 -4.77
CA PRO C 115 8.96 -10.44 -6.19
C PRO C 115 7.79 -11.04 -6.93
N ASN C 116 7.25 -10.25 -7.87
CA ASN C 116 6.16 -10.63 -8.77
C ASN C 116 4.88 -11.03 -8.03
N ARG C 117 4.69 -10.51 -6.81
CA ARG C 117 3.48 -10.75 -6.04
C ARG C 117 2.93 -9.41 -5.58
N CYS C 118 1.64 -9.20 -5.84
CA CYS C 118 0.95 -8.00 -5.39
C CYS C 118 -0.26 -8.42 -4.58
N ALA C 119 -0.96 -7.42 -4.03
CA ALA C 119 -2.13 -7.71 -3.21
C ALA C 119 -3.29 -8.25 -4.03
N GLN C 120 -3.29 -7.94 -5.34
CA GLN C 120 -4.37 -8.37 -6.22
C GLN C 120 -4.38 -9.88 -6.38
N GLN C 121 -3.21 -10.51 -6.38
CA GLN C 121 -3.14 -11.96 -6.44
C GLN C 121 -3.72 -12.58 -5.18
N ALA C 122 -3.46 -11.96 -4.02
CA ALA C 122 -4.03 -12.42 -2.76
C ALA C 122 -5.53 -12.29 -2.75
N ILE C 123 -6.05 -11.18 -3.27
CA ILE C 123 -7.49 -10.96 -3.35
C ILE C 123 -8.15 -11.97 -4.28
N LEU C 124 -7.54 -12.23 -5.44
CA LEU C 124 -8.09 -13.20 -6.39
C LEU C 124 -8.08 -14.61 -5.81
N THR C 125 -7.01 -14.97 -5.10
CA THR C 125 -6.91 -16.29 -4.49
C THR C 125 -7.93 -16.47 -3.36
N ALA C 126 -8.10 -15.43 -2.53
CA ALA C 126 -9.08 -15.48 -1.46
C ALA C 126 -10.49 -15.56 -2.02
N LEU C 127 -10.76 -14.82 -3.10
CA LEU C 127 -12.05 -14.89 -3.77
C LEU C 127 -12.32 -16.27 -4.34
N ASN C 128 -11.29 -16.91 -4.90
CA ASN C 128 -11.43 -18.28 -5.36
C ASN C 128 -11.79 -19.23 -4.23
N ILE C 129 -11.22 -19.01 -3.05
CA ILE C 129 -11.50 -19.92 -1.94
C ILE C 129 -12.91 -19.72 -1.42
N MET C 130 -13.32 -18.46 -1.17
CA MET C 130 -14.69 -18.22 -0.68
C MET C 130 -15.74 -18.57 -1.73
N ASN C 131 -15.40 -18.49 -3.02
CA ASN C 131 -16.31 -19.00 -4.03
C ASN C 131 -16.21 -20.51 -4.19
N ASP C 132 -15.24 -21.15 -3.55
CA ASP C 132 -15.25 -22.61 -3.42
C ASP C 132 -15.92 -23.10 -2.15
N GLY C 133 -16.38 -22.20 -1.28
CA GLY C 133 -17.23 -22.62 -0.18
C GLY C 133 -16.84 -22.13 1.21
N ASN C 134 -15.55 -22.07 1.49
CA ASN C 134 -15.06 -21.72 2.83
C ASN C 134 -15.20 -20.21 3.03
N ASP C 135 -16.09 -19.83 3.94
CA ASP C 135 -16.52 -18.44 4.05
C ASP C 135 -16.43 -17.87 5.46
N TRP C 136 -15.85 -18.56 6.42
CA TRP C 136 -15.73 -18.02 7.78
C TRP C 136 -14.32 -17.50 7.97
N ILE C 137 -14.23 -16.23 8.34
CA ILE C 137 -12.98 -15.47 8.28
C ILE C 137 -12.33 -15.48 9.65
N VAL C 138 -11.11 -15.98 9.73
CA VAL C 138 -10.32 -15.91 10.95
C VAL C 138 -9.26 -14.83 10.73
N ASP C 139 -9.49 -13.66 11.30
CA ASP C 139 -8.55 -12.56 11.19
C ASP C 139 -7.69 -12.52 12.44
N ILE C 140 -6.38 -12.61 12.26
CA ILE C 140 -5.41 -12.54 13.35
C ILE C 140 -4.47 -11.37 13.08
N ASP C 141 -4.30 -10.50 14.06
CA ASP C 141 -3.41 -9.35 13.95
C ASP C 141 -2.16 -9.59 14.80
N LEU C 142 -1.05 -9.84 14.13
CA LEU C 142 0.22 -10.02 14.82
C LEU C 142 0.83 -8.64 15.05
N GLU C 143 0.31 -7.94 16.05
CA GLU C 143 0.59 -6.52 16.24
C GLU C 143 2.00 -6.30 16.75
N LYS C 144 2.57 -5.15 16.35
CA LYS C 144 3.77 -4.54 16.91
C LYS C 144 4.96 -5.50 16.85
N PHE C 145 5.35 -5.79 15.62
CA PHE C 145 6.08 -7.01 15.28
C PHE C 145 7.46 -7.06 15.91
N PHE C 146 8.25 -6.01 15.75
CA PHE C 146 9.67 -6.13 16.08
C PHE C 146 10.00 -5.72 17.51
N ASP C 147 9.01 -5.41 18.33
CA ASP C 147 9.25 -5.19 19.75
C ASP C 147 8.57 -6.23 20.64
N THR C 148 7.94 -7.25 20.06
CA THR C 148 7.47 -8.37 20.86
C THR C 148 8.20 -9.65 20.51
N VAL C 149 8.98 -9.65 19.44
CA VAL C 149 9.57 -10.89 18.95
C VAL C 149 10.80 -11.22 19.80
N ASN C 150 10.90 -12.48 20.22
CA ASN C 150 12.12 -12.95 20.84
C ASN C 150 13.23 -12.99 19.80
N HIS C 151 14.40 -12.46 20.17
CA HIS C 151 15.50 -12.38 19.23
C HIS C 151 16.07 -13.75 18.88
N ASP C 152 16.42 -14.54 19.90
CA ASP C 152 17.25 -15.73 19.69
C ASP C 152 16.50 -16.81 18.92
N LYS C 153 15.17 -16.83 19.02
CA LYS C 153 14.39 -17.74 18.19
C LYS C 153 14.46 -17.33 16.72
N LEU C 154 14.45 -16.03 16.45
CA LEU C 154 14.62 -15.56 15.07
C LEU C 154 16.02 -15.91 14.54
N MET C 155 17.05 -15.76 15.38
CA MET C 155 18.40 -16.12 14.94
C MET C 155 18.54 -17.61 14.66
N THR C 156 17.98 -18.46 15.52
CA THR C 156 18.10 -19.89 15.22
C THR C 156 17.17 -20.30 14.08
N LEU C 157 16.13 -19.51 13.79
CA LEU C 157 15.33 -19.76 12.61
C LEU C 157 16.09 -19.43 11.33
N ILE C 158 16.87 -18.34 11.35
CA ILE C 158 17.78 -18.06 10.25
C ILE C 158 18.82 -19.17 10.14
N GLY C 159 19.36 -19.61 11.27
CA GLY C 159 20.37 -20.64 11.28
C GLY C 159 19.86 -22.02 10.97
N ARG C 160 18.54 -22.21 10.95
CA ARG C 160 17.99 -23.48 10.50
C ARG C 160 18.19 -23.70 9.01
N THR C 161 18.44 -22.65 8.24
CA THR C 161 18.78 -22.77 6.83
C THR C 161 20.14 -22.18 6.48
N ILE C 162 20.73 -21.38 7.36
CA ILE C 162 22.02 -20.75 7.09
C ILE C 162 23.06 -21.37 8.01
N LYS C 163 24.32 -21.29 7.61
CA LYS C 163 25.42 -21.84 8.39
C LYS C 163 26.49 -20.81 8.72
N ASP C 164 26.59 -19.75 7.94
CA ASP C 164 27.65 -18.76 8.12
C ASP C 164 27.27 -17.81 9.25
N GLY C 165 28.12 -17.71 10.27
CA GLY C 165 27.86 -16.86 11.40
C GLY C 165 28.12 -15.38 11.15
N ASP C 166 28.69 -15.05 9.98
CA ASP C 166 28.83 -13.64 9.61
C ASP C 166 27.46 -13.01 9.36
N VAL C 167 26.60 -13.73 8.64
CA VAL C 167 25.25 -13.26 8.38
C VAL C 167 24.45 -13.18 9.67
N ILE C 168 24.60 -14.18 10.54
CA ILE C 168 23.93 -14.19 11.83
C ILE C 168 24.40 -13.02 12.69
N SER C 169 25.70 -12.73 12.64
CA SER C 169 26.26 -11.63 13.44
C SER C 169 25.78 -10.28 12.95
N ILE C 170 25.74 -10.07 11.62
CA ILE C 170 25.32 -8.77 11.13
C ILE C 170 23.82 -8.55 11.35
N VAL C 171 23.01 -9.60 11.23
CA VAL C 171 21.58 -9.39 11.47
C VAL C 171 21.28 -9.33 12.96
N ARG C 172 22.16 -9.89 13.80
CA ARG C 172 22.00 -9.75 15.24
C ARG C 172 22.33 -8.33 15.69
N LYS C 173 23.40 -7.77 15.13
CA LYS C 173 23.74 -6.37 15.41
C LYS C 173 22.66 -5.44 14.88
N TYR C 174 22.05 -5.79 13.75
CA TYR C 174 20.99 -4.96 13.20
C TYR C 174 19.70 -5.11 14.00
N LEU C 175 19.51 -6.26 14.63
CA LEU C 175 18.24 -6.52 15.29
C LEU C 175 18.12 -5.71 16.57
N VAL C 176 19.25 -5.49 17.26
CA VAL C 176 19.28 -4.65 18.45
C VAL C 176 19.04 -3.18 18.12
N SER C 177 19.58 -2.71 17.00
CA SER C 177 19.33 -1.34 16.56
C SER C 177 17.89 -1.15 16.10
N GLY C 195 12.30 0.04 8.01
CA GLY C 195 13.30 0.80 7.30
C GLY C 195 13.48 0.34 5.86
N GLY C 196 14.57 -0.37 5.60
CA GLY C 196 14.83 -0.91 4.29
C GLY C 196 14.04 -2.17 3.99
N ASN C 197 14.63 -3.11 3.26
CA ASN C 197 13.96 -4.35 2.94
C ASN C 197 14.28 -5.47 3.92
N LEU C 198 15.27 -5.29 4.79
CA LEU C 198 15.67 -6.38 5.67
C LEU C 198 14.63 -6.64 6.75
N SER C 199 14.01 -5.60 7.28
CA SER C 199 12.94 -5.79 8.25
C SER C 199 11.71 -6.51 7.68
N PRO C 200 11.16 -6.14 6.50
CA PRO C 200 10.08 -6.97 5.95
C PRO C 200 10.52 -8.36 5.54
N LEU C 201 11.76 -8.53 5.08
CA LEU C 201 12.26 -9.87 4.78
C LEU C 201 12.33 -10.73 6.03
N LEU C 202 12.73 -10.13 7.15
CA LEU C 202 12.82 -10.86 8.41
C LEU C 202 11.43 -11.21 8.95
N ALA C 203 10.47 -10.32 8.75
CA ALA C 203 9.09 -10.64 9.13
C ALA C 203 8.53 -11.81 8.31
N ASN C 204 8.78 -11.79 7.00
CA ASN C 204 8.36 -12.91 6.16
C ASN C 204 9.10 -14.20 6.47
N ILE C 205 10.32 -14.10 6.98
CA ILE C 205 11.01 -15.31 7.42
C ILE C 205 10.37 -15.84 8.71
N MET C 206 10.07 -14.96 9.67
CA MET C 206 9.59 -15.39 10.98
C MET C 206 8.19 -15.98 10.89
N LEU C 207 7.30 -15.36 10.12
CA LEU C 207 5.92 -15.87 9.99
C LEU C 207 5.78 -16.95 8.93
N ASN C 208 6.86 -17.41 8.33
CA ASN C 208 6.81 -18.54 7.41
C ASN C 208 6.49 -19.86 8.10
N GLU C 209 6.85 -20.00 9.39
CA GLU C 209 6.44 -21.17 10.14
C GLU C 209 4.93 -21.21 10.34
N LEU C 210 4.29 -20.04 10.42
CA LEU C 210 2.84 -19.98 10.50
C LEU C 210 2.20 -20.50 9.22
N ASP C 211 2.77 -20.15 8.06
CA ASP C 211 2.27 -20.69 6.79
C ASP C 211 2.57 -22.17 6.66
N LYS C 212 3.71 -22.62 7.20
CA LYS C 212 4.03 -24.03 7.26
C LYS C 212 3.00 -24.81 8.07
N GLU C 213 2.60 -24.25 9.21
CA GLU C 213 1.59 -24.90 10.04
C GLU C 213 0.21 -24.84 9.39
N MET C 214 -0.05 -23.75 8.65
CA MET C 214 -1.30 -23.65 7.89
C MET C 214 -1.41 -24.75 6.85
N GLU C 215 -0.29 -25.00 6.16
CA GLU C 215 -0.27 -26.11 5.21
C GLU C 215 -0.41 -27.45 5.90
N LYS C 216 0.30 -27.67 7.00
CA LYS C 216 0.31 -28.99 7.62
C LYS C 216 -1.01 -29.31 8.29
N ARG C 217 -1.69 -28.29 8.83
CA ARG C 217 -3.01 -28.51 9.41
C ARG C 217 -4.06 -28.70 8.32
N GLY C 218 -3.76 -28.26 7.10
CA GLY C 218 -4.63 -28.50 5.97
C GLY C 218 -5.55 -27.34 5.67
N LEU C 219 -5.34 -26.23 6.37
CA LEU C 219 -6.26 -25.10 6.33
C LEU C 219 -6.06 -24.27 5.07
N ASN C 220 -7.09 -23.50 4.73
CA ASN C 220 -7.02 -22.52 3.66
C ASN C 220 -6.79 -21.14 4.26
N PHE C 221 -5.82 -20.43 3.70
CA PHE C 221 -5.41 -19.16 4.28
C PHE C 221 -4.74 -18.32 3.21
N VAL C 222 -4.73 -17.02 3.45
CA VAL C 222 -3.90 -16.09 2.68
C VAL C 222 -3.29 -15.11 3.66
N ARG C 223 -1.97 -14.94 3.59
CA ARG C 223 -1.26 -13.98 4.41
C ARG C 223 -0.60 -12.96 3.50
N TYR C 224 -0.79 -11.67 3.80
CA TYR C 224 -0.07 -10.71 2.98
C TYR C 224 1.35 -10.57 3.48
N ALA C 225 1.54 -9.91 4.62
CA ALA C 225 2.86 -9.83 5.22
C ALA C 225 2.89 -10.12 6.71
N ASP C 226 1.96 -9.57 7.49
CA ASP C 226 1.83 -9.92 8.89
C ASP C 226 0.39 -10.14 9.31
N ASP C 227 -0.58 -9.63 8.56
CA ASP C 227 -2.00 -9.88 8.80
C ASP C 227 -2.43 -11.04 7.90
N CYS C 228 -2.73 -12.17 8.52
CA CYS C 228 -3.17 -13.35 7.81
C CYS C 228 -4.66 -13.54 8.03
N ILE C 229 -5.34 -14.04 7.02
CA ILE C 229 -6.72 -14.46 7.15
C ILE C 229 -6.81 -15.95 6.84
N ILE C 230 -7.39 -16.70 7.79
CA ILE C 230 -7.60 -18.13 7.64
C ILE C 230 -9.05 -18.32 7.26
N MET C 231 -9.28 -19.16 6.25
CA MET C 231 -10.52 -19.18 5.51
C MET C 231 -11.11 -20.57 5.58
N VAL C 232 -12.21 -20.70 6.32
CA VAL C 232 -12.82 -21.98 6.65
C VAL C 232 -14.32 -21.84 6.41
N GLY C 233 -15.01 -22.98 6.36
CA GLY C 233 -16.42 -22.98 6.03
C GLY C 233 -17.39 -23.36 7.14
N SER C 234 -17.06 -23.09 8.40
CA SER C 234 -17.93 -23.43 9.52
C SER C 234 -17.65 -22.44 10.63
N GLU C 235 -18.60 -22.32 11.57
CA GLU C 235 -18.47 -21.37 12.67
C GLU C 235 -17.72 -21.92 13.86
N MET C 236 -18.14 -23.09 14.36
CA MET C 236 -17.45 -23.73 15.48
C MET C 236 -16.03 -24.11 15.09
N SER C 237 -15.84 -24.53 13.83
CA SER C 237 -14.50 -24.76 13.30
C SER C 237 -13.67 -23.49 13.30
N ALA C 238 -14.28 -22.35 12.97
CA ALA C 238 -13.56 -21.09 12.96
C ALA C 238 -13.16 -20.66 14.35
N ASN C 239 -14.03 -20.85 15.34
CA ASN C 239 -13.68 -20.50 16.71
C ASN C 239 -12.57 -21.40 17.26
N ARG C 240 -12.64 -22.69 16.91
CA ARG C 240 -11.58 -23.62 17.29
C ARG C 240 -10.26 -23.24 16.66
N VAL C 241 -10.30 -22.83 15.38
CA VAL C 241 -9.09 -22.42 14.68
C VAL C 241 -8.50 -21.15 15.28
N MET C 242 -9.36 -20.19 15.65
CA MET C 242 -8.88 -18.95 16.26
C MET C 242 -8.23 -19.20 17.62
N ARG C 243 -8.86 -20.01 18.47
CA ARG C 243 -8.27 -20.26 19.79
C ARG C 243 -7.02 -21.13 19.67
N ASN C 244 -7.01 -22.09 18.75
CA ASN C 244 -5.82 -22.91 18.49
C ASN C 244 -4.66 -22.09 17.99
N ILE C 245 -4.93 -21.13 17.09
CA ILE C 245 -3.83 -20.40 16.49
C ILE C 245 -3.33 -19.29 17.41
N SER C 246 -4.20 -18.70 18.23
CA SER C 246 -3.72 -17.78 19.24
C SER C 246 -2.86 -18.50 20.27
N ARG C 247 -3.25 -19.71 20.69
CA ARG C 247 -2.39 -20.48 21.58
C ARG C 247 -1.10 -20.94 20.90
N PHE C 248 -1.17 -21.28 19.62
CA PHE C 248 0.01 -21.71 18.86
C PHE C 248 1.00 -20.56 18.70
N ILE C 249 0.48 -19.34 18.49
CA ILE C 249 1.33 -18.16 18.37
C ILE C 249 1.94 -17.83 19.72
N GLU C 250 1.14 -17.90 20.78
CA GLU C 250 1.62 -17.61 22.12
C GLU C 250 2.64 -18.63 22.64
N GLU C 251 2.60 -19.86 22.13
CA GLU C 251 3.43 -20.92 22.71
C GLU C 251 4.65 -21.22 21.83
N LYS C 252 4.42 -21.53 20.55
CA LYS C 252 5.50 -22.04 19.73
C LYS C 252 6.27 -20.96 19.00
N LEU C 253 5.59 -20.01 18.37
CA LEU C 253 6.29 -19.01 17.57
C LEU C 253 6.63 -17.76 18.34
N GLY C 254 6.14 -17.61 19.57
CA GLY C 254 6.63 -16.59 20.47
C GLY C 254 6.16 -15.18 20.17
N LEU C 255 5.06 -14.99 19.46
CA LEU C 255 4.53 -13.67 19.25
C LEU C 255 3.32 -13.43 20.17
N LYS C 256 2.80 -12.21 20.12
CA LYS C 256 1.64 -11.82 20.91
C LYS C 256 0.56 -11.28 19.99
N VAL C 257 -0.69 -11.65 20.26
CA VAL C 257 -1.83 -11.15 19.51
C VAL C 257 -2.74 -10.39 20.46
N ASN C 258 -3.18 -9.20 20.05
CA ASN C 258 -4.07 -8.40 20.87
C ASN C 258 -5.50 -8.48 20.31
N MET C 259 -6.44 -7.92 21.06
CA MET C 259 -7.87 -8.10 20.82
C MET C 259 -8.43 -7.00 19.92
N THR C 260 -7.59 -6.14 19.36
CA THR C 260 -8.09 -5.01 18.59
C THR C 260 -8.44 -5.33 17.14
N LYS C 261 -7.87 -6.39 16.56
CA LYS C 261 -8.28 -6.84 15.24
C LYS C 261 -8.24 -8.37 15.18
N SER C 262 -8.76 -9.01 16.21
CA SER C 262 -8.81 -10.47 16.26
C SER C 262 -10.26 -10.88 16.45
N LYS C 263 -10.99 -10.98 15.34
CA LYS C 263 -12.40 -11.36 15.37
C LYS C 263 -12.60 -12.52 14.41
N VAL C 264 -13.73 -13.19 14.57
CA VAL C 264 -14.30 -14.05 13.54
C VAL C 264 -15.61 -13.42 13.07
N ASP C 265 -15.77 -13.32 11.75
CA ASP C 265 -16.94 -12.64 11.22
C ASP C 265 -17.04 -13.16 9.78
N ARG C 266 -18.12 -12.78 9.12
CA ARG C 266 -18.37 -13.10 7.73
C ARG C 266 -17.64 -12.12 6.82
N PRO C 267 -17.52 -12.41 5.52
CA PRO C 267 -17.00 -11.39 4.58
C PRO C 267 -17.83 -10.11 4.49
N SER C 268 -19.05 -10.10 5.03
CA SER C 268 -19.84 -8.88 5.11
C SER C 268 -19.27 -7.88 6.12
N GLY C 269 -18.39 -8.33 7.00
CA GLY C 269 -17.81 -7.46 8.01
C GLY C 269 -16.30 -7.55 8.15
N LEU C 270 -15.62 -7.85 7.06
CA LEU C 270 -14.17 -7.99 7.07
C LEU C 270 -13.54 -6.87 6.25
N LYS C 271 -12.63 -6.14 6.85
CA LYS C 271 -11.77 -5.20 6.13
C LYS C 271 -10.36 -5.76 6.10
N TYR C 272 -9.80 -5.92 4.90
CA TYR C 272 -8.53 -6.59 4.76
C TYR C 272 -7.84 -6.02 3.52
N LEU C 273 -6.71 -5.35 3.73
CA LEU C 273 -5.89 -4.64 2.75
C LEU C 273 -6.67 -3.53 2.07
N GLY C 274 -7.68 -2.95 2.71
CA GLY C 274 -8.46 -1.90 2.09
C GLY C 274 -9.62 -2.42 1.27
N PHE C 275 -9.77 -3.74 1.20
CA PHE C 275 -10.82 -4.35 0.42
C PHE C 275 -11.95 -4.83 1.33
N GLY C 276 -13.15 -4.31 1.12
CA GLY C 276 -14.33 -4.94 1.65
C GLY C 276 -14.81 -6.06 0.75
N PHE C 277 -15.71 -6.87 1.27
CA PHE C 277 -16.21 -8.02 0.53
C PHE C 277 -17.73 -8.01 0.58
N TYR C 278 -18.35 -8.46 -0.50
CA TYR C 278 -19.80 -8.52 -0.56
C TYR C 278 -20.21 -9.74 -1.36
N PHE C 279 -21.51 -9.99 -1.40
CA PHE C 279 -22.11 -11.07 -2.15
C PHE C 279 -23.10 -10.50 -3.15
N ASP C 280 -23.01 -10.97 -4.39
CA ASP C 280 -23.90 -10.51 -5.44
C ASP C 280 -25.31 -11.01 -5.20
N PRO C 281 -26.33 -10.21 -5.58
CA PRO C 281 -27.72 -10.68 -5.52
C PRO C 281 -27.95 -11.88 -6.43
N ARG C 282 -27.30 -11.87 -7.59
CA ARG C 282 -27.23 -13.08 -8.39
C ARG C 282 -26.31 -14.06 -7.69
N ALA C 283 -26.92 -15.00 -6.96
CA ALA C 283 -26.23 -15.75 -5.93
C ALA C 283 -25.36 -16.87 -6.50
N HIS C 284 -24.21 -16.51 -7.04
CA HIS C 284 -23.26 -17.55 -7.41
C HIS C 284 -21.87 -17.25 -6.84
N GLN C 285 -21.43 -16.00 -6.87
CA GLN C 285 -20.06 -15.67 -6.50
C GLN C 285 -20.02 -14.51 -5.52
N PHE C 286 -19.12 -14.63 -4.54
CA PHE C 286 -18.71 -13.48 -3.75
C PHE C 286 -17.91 -12.54 -4.63
N LYS C 287 -17.91 -11.25 -4.29
CA LYS C 287 -17.12 -10.27 -5.00
C LYS C 287 -16.40 -9.37 -3.99
N ALA C 288 -15.36 -8.71 -4.47
CA ALA C 288 -14.57 -7.81 -3.65
C ALA C 288 -14.77 -6.38 -4.12
N LYS C 289 -14.73 -5.45 -3.19
CA LYS C 289 -14.97 -4.04 -3.46
C LYS C 289 -14.07 -3.22 -2.57
N PRO C 290 -13.86 -1.95 -2.88
CA PRO C 290 -13.18 -1.07 -1.92
C PRO C 290 -13.96 -0.95 -0.63
N HIS C 291 -13.25 -1.01 0.49
CA HIS C 291 -13.88 -0.86 1.78
C HIS C 291 -14.27 0.59 1.98
N ALA C 292 -15.22 0.82 2.90
CA ALA C 292 -15.77 2.14 3.13
C ALA C 292 -14.74 3.13 3.67
N LYS C 293 -13.81 2.66 4.51
CA LYS C 293 -12.78 3.56 5.00
C LYS C 293 -11.74 3.89 3.93
N SER C 294 -11.55 2.99 2.96
CA SER C 294 -10.71 3.31 1.80
C SER C 294 -11.32 4.45 0.99
N VAL C 295 -12.65 4.37 0.78
CA VAL C 295 -13.35 5.41 0.05
C VAL C 295 -13.37 6.72 0.84
N ALA C 296 -13.42 6.62 2.16
CA ALA C 296 -13.36 7.83 2.99
C ALA C 296 -12.00 8.50 2.93
N LYS C 297 -10.92 7.71 2.91
CA LYS C 297 -9.58 8.25 2.73
C LYS C 297 -9.45 8.91 1.36
N PHE C 298 -9.99 8.25 0.33
CA PHE C 298 -9.94 8.80 -1.01
C PHE C 298 -10.73 10.09 -1.12
N LYS C 299 -11.87 10.16 -0.45
CA LYS C 299 -12.69 11.36 -0.48
C LYS C 299 -12.02 12.50 0.26
N LYS C 300 -11.29 12.19 1.34
CA LYS C 300 -10.49 13.21 2.02
C LYS C 300 -9.40 13.75 1.10
N ARG C 301 -8.73 12.87 0.36
CA ARG C 301 -7.68 13.32 -0.55
C ARG C 301 -8.25 14.13 -1.71
N MET C 302 -9.40 13.71 -2.23
CA MET C 302 -10.07 14.45 -3.30
C MET C 302 -10.54 15.82 -2.84
N LYS C 303 -11.10 15.90 -1.63
CA LYS C 303 -11.52 17.18 -1.09
C LYS C 303 -10.36 18.10 -0.77
N GLU C 304 -9.21 17.56 -0.39
CA GLU C 304 -8.06 18.43 -0.15
C GLU C 304 -7.42 18.89 -1.45
N LEU C 305 -7.43 18.03 -2.48
CA LEU C 305 -6.83 18.42 -3.76
C LEU C 305 -7.71 19.38 -4.53
N THR C 306 -9.02 19.33 -4.34
CA THR C 306 -9.93 20.30 -4.93
C THR C 306 -10.48 21.26 -3.89
N CYS C 307 -9.64 21.69 -2.95
CA CYS C 307 -10.01 22.74 -2.02
C CYS C 307 -10.26 24.01 -2.83
N ARG C 308 -11.35 24.69 -2.51
CA ARG C 308 -11.83 25.79 -3.33
C ARG C 308 -10.94 27.00 -3.19
N SER C 309 -10.33 27.19 -2.01
CA SER C 309 -9.45 28.32 -1.76
C SER C 309 -7.98 27.97 -1.92
N TRP C 310 -7.66 27.07 -2.84
CA TRP C 310 -6.27 26.72 -3.09
C TRP C 310 -5.73 27.60 -4.21
N GLY C 311 -4.71 28.38 -3.91
CA GLY C 311 -4.24 29.38 -4.84
C GLY C 311 -3.29 28.87 -5.90
N VAL C 312 -3.64 27.77 -6.55
CA VAL C 312 -2.88 27.20 -7.64
C VAL C 312 -3.75 27.17 -8.89
N SER C 313 -3.15 26.85 -10.02
CA SER C 313 -3.87 26.77 -11.29
C SER C 313 -4.77 25.55 -11.27
N ASN C 314 -5.87 25.63 -11.99
CA ASN C 314 -6.78 24.50 -12.02
C ASN C 314 -6.25 23.35 -12.86
N SER C 315 -5.35 23.62 -13.81
CA SER C 315 -4.68 22.53 -14.51
C SER C 315 -3.76 21.75 -13.58
N TYR C 316 -3.14 22.43 -12.61
CA TYR C 316 -2.36 21.74 -11.57
C TYR C 316 -3.27 20.83 -10.75
N LYS C 317 -4.48 21.33 -10.43
CA LYS C 317 -5.44 20.51 -9.71
C LYS C 317 -5.86 19.31 -10.52
N VAL C 318 -6.05 19.49 -11.83
CA VAL C 318 -6.46 18.38 -12.69
C VAL C 318 -5.33 17.35 -12.82
N GLU C 319 -4.08 17.80 -12.88
CA GLU C 319 -2.96 16.87 -12.94
C GLU C 319 -2.81 16.07 -11.65
N LYS C 320 -2.92 16.74 -10.49
CA LYS C 320 -2.82 16.03 -9.21
C LYS C 320 -4.00 15.08 -9.01
N LEU C 321 -5.19 15.50 -9.43
CA LEU C 321 -6.34 14.60 -9.48
C LEU C 321 -6.03 13.37 -10.31
N ASN C 322 -5.71 13.54 -11.60
CA ASN C 322 -5.55 12.40 -12.50
C ASN C 322 -4.44 11.46 -12.06
N GLN C 323 -3.41 12.00 -11.40
CA GLN C 323 -2.48 11.19 -10.62
C GLN C 323 -3.21 10.35 -9.59
N LEU C 324 -4.11 10.97 -8.81
CA LEU C 324 -4.75 10.27 -7.71
C LEU C 324 -5.75 9.21 -8.19
N ILE C 325 -6.58 9.52 -9.19
CA ILE C 325 -7.46 8.48 -9.72
C ILE C 325 -6.66 7.39 -10.43
N ARG C 326 -5.55 7.76 -11.09
CA ARG C 326 -4.69 6.76 -11.72
C ARG C 326 -4.18 5.73 -10.72
N GLY C 327 -3.61 6.21 -9.61
CA GLY C 327 -3.11 5.30 -8.59
C GLY C 327 -4.23 4.55 -7.88
N TRP C 328 -5.33 5.24 -7.59
CA TRP C 328 -6.36 4.67 -6.74
C TRP C 328 -7.18 3.64 -7.49
N ILE C 329 -7.44 3.86 -8.78
CA ILE C 329 -8.03 2.83 -9.61
C ILE C 329 -7.05 1.70 -9.85
N ASN C 330 -5.76 1.99 -10.10
CA ASN C 330 -4.77 0.96 -10.31
C ASN C 330 -4.54 0.07 -9.09
N TYR C 331 -4.93 0.51 -7.90
CA TYR C 331 -4.94 -0.41 -6.76
C TYR C 331 -6.19 -1.30 -6.80
N PHE C 332 -7.38 -0.68 -6.78
CA PHE C 332 -8.64 -1.42 -6.62
C PHE C 332 -9.21 -1.91 -7.94
N LYS C 333 -8.37 -2.11 -8.97
CA LYS C 333 -8.88 -2.41 -10.31
C LYS C 333 -9.51 -3.79 -10.44
N ILE C 334 -9.38 -4.66 -9.45
CA ILE C 334 -10.03 -5.95 -9.53
C ILE C 334 -11.42 -5.91 -8.92
N GLY C 335 -11.78 -4.83 -8.23
CA GLY C 335 -13.04 -4.79 -7.53
C GLY C 335 -14.21 -4.26 -8.33
N SER C 336 -15.41 -4.78 -8.06
CA SER C 336 -16.59 -4.22 -8.71
C SER C 336 -16.94 -2.91 -8.04
N MET C 337 -16.86 -1.81 -8.78
CA MET C 337 -16.84 -0.48 -8.21
C MET C 337 -17.54 0.54 -9.08
N LYS C 338 -18.37 0.05 -10.01
CA LYS C 338 -18.89 0.87 -11.11
C LYS C 338 -19.77 2.01 -10.62
N THR C 339 -20.69 1.69 -9.70
CA THR C 339 -21.54 2.71 -9.09
C THR C 339 -20.72 3.70 -8.27
N LEU C 340 -19.67 3.19 -7.62
CA LEU C 340 -18.80 4.06 -6.82
C LEU C 340 -18.04 5.03 -7.70
N CYS C 341 -17.56 4.57 -8.86
CA CYS C 341 -16.91 5.48 -9.80
C CYS C 341 -17.87 6.50 -10.39
N LYS C 342 -19.11 6.10 -10.68
CA LYS C 342 -20.07 7.06 -11.21
C LYS C 342 -20.37 8.16 -10.21
N GLU C 343 -20.60 7.80 -8.95
CA GLU C 343 -20.84 8.81 -7.93
C GLU C 343 -19.60 9.66 -7.66
N LEU C 344 -18.42 9.05 -7.62
CA LEU C 344 -17.20 9.81 -7.34
C LEU C 344 -16.82 10.71 -8.50
N ASP C 345 -17.12 10.29 -9.73
CA ASP C 345 -16.84 11.09 -10.90
C ASP C 345 -17.74 12.31 -10.93
N SER C 346 -19.02 12.11 -10.59
CA SER C 346 -19.94 13.23 -10.48
C SER C 346 -19.50 14.21 -9.40
N ARG C 347 -19.04 13.67 -8.27
CA ARG C 347 -18.53 14.51 -7.20
C ARG C 347 -17.29 15.29 -7.59
N ILE C 348 -16.38 14.64 -8.34
CA ILE C 348 -15.16 15.27 -8.79
C ILE C 348 -15.47 16.43 -9.74
N ARG C 349 -16.41 16.20 -10.67
CA ARG C 349 -16.77 17.24 -11.62
C ARG C 349 -17.44 18.42 -10.95
N TYR C 350 -18.31 18.16 -9.97
CA TYR C 350 -18.96 19.24 -9.23
C TYR C 350 -17.94 20.03 -8.41
N ARG C 351 -16.96 19.35 -7.82
CA ARG C 351 -15.93 20.04 -7.06
C ARG C 351 -15.05 20.90 -7.95
N LEU C 352 -14.74 20.42 -9.16
CA LEU C 352 -13.95 21.23 -10.06
C LEU C 352 -14.76 22.41 -10.60
N ARG C 353 -16.08 22.25 -10.71
CA ARG C 353 -16.91 23.38 -11.10
C ARG C 353 -16.88 24.48 -10.05
N MET C 354 -16.97 24.14 -8.76
CA MET C 354 -16.89 25.26 -7.81
C MET C 354 -15.46 25.76 -7.65
N CYS C 355 -14.46 24.94 -7.99
CA CYS C 355 -13.09 25.45 -8.02
C CYS C 355 -12.91 26.47 -9.14
N ILE C 356 -13.46 26.20 -10.32
CA ILE C 356 -13.43 27.15 -11.44
C ILE C 356 -14.16 28.42 -11.08
N TRP C 357 -15.35 28.28 -10.47
CA TRP C 357 -16.17 29.44 -10.12
C TRP C 357 -15.50 30.30 -9.06
N LYS C 358 -14.74 29.70 -8.15
CA LYS C 358 -14.00 30.53 -7.22
C LYS C 358 -12.77 31.14 -7.88
N GLN C 359 -12.21 30.46 -8.89
CA GLN C 359 -11.06 31.01 -9.58
C GLN C 359 -11.40 32.27 -10.37
N TRP C 360 -12.59 32.33 -10.97
CA TRP C 360 -12.96 33.50 -11.77
C TRP C 360 -13.20 34.72 -10.89
N LYS C 361 -13.95 34.54 -9.80
CA LYS C 361 -13.94 35.36 -8.58
C LYS C 361 -14.57 36.75 -8.69
N THR C 362 -14.77 37.27 -9.90
CA THR C 362 -15.39 38.59 -10.07
C THR C 362 -16.50 38.48 -11.11
N PRO C 363 -17.70 39.00 -10.82
CA PRO C 363 -18.89 38.69 -11.62
C PRO C 363 -18.83 39.15 -13.07
N GLN C 364 -18.09 40.23 -13.36
CA GLN C 364 -17.89 40.62 -14.74
C GLN C 364 -17.00 39.63 -15.48
N ASN C 365 -15.95 39.15 -14.82
CA ASN C 365 -15.13 38.08 -15.39
C ASN C 365 -15.94 36.79 -15.50
N GLN C 366 -16.86 36.58 -14.57
CA GLN C 366 -17.69 35.38 -14.58
C GLN C 366 -18.66 35.38 -15.76
N GLU C 367 -19.35 36.50 -15.99
CA GLU C 367 -20.23 36.56 -17.16
C GLU C 367 -19.46 36.56 -18.46
N LYS C 368 -18.25 37.15 -18.46
CA LYS C 368 -17.42 37.13 -19.65
C LYS C 368 -17.01 35.71 -20.02
N ASN C 369 -16.61 34.92 -19.03
CA ASN C 369 -16.23 33.55 -19.27
C ASN C 369 -17.44 32.69 -19.63
N LEU C 370 -18.60 33.01 -19.07
CA LEU C 370 -19.81 32.27 -19.39
C LEU C 370 -20.23 32.50 -20.84
N VAL C 371 -20.17 33.75 -21.31
CA VAL C 371 -20.59 34.00 -22.69
C VAL C 371 -19.49 33.56 -23.65
N LYS C 372 -18.24 33.46 -23.18
CA LYS C 372 -17.22 32.83 -24.00
C LYS C 372 -17.48 31.34 -24.15
N LEU C 373 -17.93 30.68 -23.09
CA LEU C 373 -18.07 29.23 -23.12
C LEU C 373 -19.39 28.76 -23.71
N GLY C 374 -20.25 29.67 -24.17
CA GLY C 374 -21.44 29.29 -24.90
C GLY C 374 -22.76 29.47 -24.20
N ILE C 375 -22.93 30.52 -23.39
CA ILE C 375 -24.20 30.82 -22.72
C ILE C 375 -24.70 32.14 -23.28
N ASP C 376 -26.02 32.23 -23.51
CA ASP C 376 -26.61 33.50 -23.91
C ASP C 376 -26.53 34.54 -22.79
N ARG C 377 -26.49 35.82 -23.20
CA ARG C 377 -25.90 36.86 -22.36
C ARG C 377 -26.72 37.17 -21.12
N ASN C 378 -28.04 37.28 -21.25
CA ASN C 378 -28.88 37.71 -20.13
C ASN C 378 -28.90 36.68 -19.01
N THR C 379 -29.04 35.40 -19.35
CA THR C 379 -29.00 34.35 -18.33
C THR C 379 -27.61 34.21 -17.73
N ALA C 380 -26.58 34.44 -18.53
CA ALA C 380 -25.21 34.38 -18.03
C ALA C 380 -24.95 35.48 -17.01
N ARG C 381 -25.46 36.68 -17.27
CA ARG C 381 -25.28 37.76 -16.30
C ARG C 381 -26.19 37.58 -15.10
N ARG C 382 -27.33 36.91 -15.28
CA ARG C 382 -28.19 36.58 -14.14
C ARG C 382 -27.51 35.59 -13.21
N VAL C 383 -26.87 34.57 -13.77
CA VAL C 383 -26.22 33.60 -12.88
C VAL C 383 -24.90 34.16 -12.37
N ALA C 384 -24.27 35.10 -13.10
CA ALA C 384 -23.02 35.68 -12.64
C ALA C 384 -23.22 36.74 -11.57
N TYR C 385 -24.38 37.37 -11.54
CA TYR C 385 -24.70 38.30 -10.46
C TYR C 385 -25.31 37.57 -9.27
N THR C 386 -25.33 36.25 -9.35
CA THR C 386 -25.33 35.33 -8.24
C THR C 386 -24.00 34.61 -8.24
N GLY C 387 -22.92 35.38 -8.32
CA GLY C 387 -21.58 34.80 -8.30
C GLY C 387 -21.25 34.14 -6.98
N LYS C 388 -21.81 34.66 -5.89
CA LYS C 388 -21.82 33.93 -4.63
C LYS C 388 -22.87 32.82 -4.68
N ARG C 389 -23.14 32.22 -3.53
CA ARG C 389 -23.97 31.02 -3.41
C ARG C 389 -23.42 29.92 -4.32
N ILE C 390 -22.14 29.63 -4.09
CA ILE C 390 -21.30 28.93 -5.06
C ILE C 390 -21.78 27.52 -5.30
N ALA C 391 -22.14 26.80 -4.23
CA ALA C 391 -22.67 25.45 -4.37
C ALA C 391 -23.99 25.44 -5.12
N TYR C 392 -24.84 26.45 -4.87
CA TYR C 392 -26.13 26.56 -5.53
C TYR C 392 -26.00 26.74 -7.02
N VAL C 393 -25.07 27.59 -7.45
CA VAL C 393 -24.86 27.80 -8.88
C VAL C 393 -24.21 26.58 -9.51
N CYS C 394 -23.21 26.01 -8.86
CA CYS C 394 -22.47 24.94 -9.50
C CYS C 394 -23.17 23.60 -9.46
N ASN C 395 -24.22 23.46 -8.65
CA ASN C 395 -24.89 22.16 -8.56
C ASN C 395 -25.73 21.86 -9.80
N LYS C 396 -26.39 22.87 -10.36
CA LYS C 396 -27.36 22.66 -11.43
C LYS C 396 -27.39 23.87 -12.33
N GLY C 397 -28.14 23.77 -13.42
CA GLY C 397 -28.42 24.93 -14.22
C GLY C 397 -27.47 25.17 -15.37
N ALA C 398 -27.13 26.42 -15.60
CA ALA C 398 -26.37 26.81 -16.79
C ALA C 398 -24.91 26.41 -16.73
N VAL C 399 -24.33 26.24 -15.56
CA VAL C 399 -22.90 25.95 -15.53
C VAL C 399 -22.63 24.47 -15.73
N ASN C 400 -23.64 23.62 -15.66
CA ASN C 400 -23.43 22.21 -15.99
C ASN C 400 -23.27 22.01 -17.49
N VAL C 401 -23.78 22.94 -18.30
CA VAL C 401 -23.52 22.90 -19.72
C VAL C 401 -22.50 23.94 -20.16
N ALA C 402 -22.22 24.94 -19.33
CA ALA C 402 -21.12 25.86 -19.62
C ALA C 402 -19.78 25.15 -19.49
N ILE C 403 -19.61 24.39 -18.41
CA ILE C 403 -18.45 23.54 -18.20
C ILE C 403 -18.96 22.13 -17.90
N SER C 404 -19.03 21.32 -18.95
CA SER C 404 -19.73 20.05 -18.91
C SER C 404 -18.75 18.89 -18.77
N ASN C 405 -19.28 17.68 -18.95
CA ASN C 405 -18.44 16.49 -19.05
C ASN C 405 -17.48 16.56 -20.24
N LYS C 406 -17.95 17.02 -21.39
CA LYS C 406 -17.08 17.02 -22.57
C LYS C 406 -16.01 18.09 -22.47
N ARG C 407 -16.35 19.26 -21.90
CA ARG C 407 -15.36 20.32 -21.77
C ARG C 407 -14.30 19.94 -20.75
N LEU C 408 -14.70 19.31 -19.64
CA LEU C 408 -13.73 18.92 -18.63
C LEU C 408 -12.96 17.69 -19.09
N ALA C 409 -13.53 16.91 -20.01
CA ALA C 409 -12.80 15.81 -20.61
C ALA C 409 -11.69 16.31 -21.52
N SER C 410 -11.98 17.35 -22.32
CA SER C 410 -10.95 17.92 -23.17
C SER C 410 -9.97 18.76 -22.35
N PHE C 411 -10.40 19.24 -21.18
CA PHE C 411 -9.57 20.10 -20.36
C PHE C 411 -8.44 19.31 -19.69
N GLY C 412 -8.58 17.99 -19.57
CA GLY C 412 -7.47 17.15 -19.17
C GLY C 412 -7.77 16.11 -18.12
N LEU C 413 -9.03 16.02 -17.70
CA LEU C 413 -9.43 15.10 -16.64
C LEU C 413 -9.77 13.75 -17.22
N ILE C 414 -9.36 12.69 -16.52
CA ILE C 414 -9.79 11.34 -16.85
C ILE C 414 -11.05 11.01 -16.07
N SER C 415 -12.12 10.70 -16.78
CA SER C 415 -13.36 10.27 -16.14
C SER C 415 -13.12 8.85 -15.62
N MET C 416 -13.72 8.55 -14.48
CA MET C 416 -13.41 7.36 -13.71
C MET C 416 -13.82 6.08 -14.43
N LEU C 417 -14.94 6.13 -15.15
CA LEU C 417 -15.50 4.92 -15.73
C LEU C 417 -14.65 4.40 -16.87
N ASP C 418 -14.09 5.30 -17.68
CA ASP C 418 -13.25 4.88 -18.80
C ASP C 418 -11.98 4.20 -18.32
N TYR C 419 -11.35 4.78 -17.29
CA TYR C 419 -10.12 4.20 -16.76
C TYR C 419 -10.41 2.89 -16.05
N TYR C 420 -11.54 2.81 -15.33
CA TYR C 420 -11.89 1.56 -14.65
C TYR C 420 -12.24 0.46 -15.65
N ILE C 421 -12.97 0.80 -16.71
CA ILE C 421 -13.33 -0.19 -17.72
C ILE C 421 -12.11 -0.68 -18.50
N GLU C 422 -11.19 0.22 -18.87
CA GLU C 422 -10.05 -0.24 -19.64
C GLU C 422 -9.00 -0.92 -18.76
N LYS C 423 -8.99 -0.64 -17.45
CA LYS C 423 -8.04 -1.33 -16.58
C LYS C 423 -8.55 -2.70 -16.15
N CYS C 424 -9.84 -2.81 -15.89
CA CYS C 424 -10.39 -4.08 -15.39
C CYS C 424 -10.52 -5.11 -16.51
MG MG D . -9.18 46.93 0.51
MG MG E . -6.02 47.40 0.64
MG MG F . -44.18 56.47 -0.48
MG MG G . 4.81 75.41 -14.16
MG MG H . -20.29 20.55 10.20
MG MG I . -41.36 52.01 13.54
MG MG J . -10.73 37.42 15.32
MG MG K . 10.04 49.94 3.93
MG MG L . -13.42 46.95 8.42
MG MG M . -15.57 43.00 17.51
N NH4 N . -3.21 48.40 4.60
N NH4 O . -2.90 57.95 -6.51
#